data_3WA5
#
_entry.id   3WA5
#
_cell.length_a   109.970
_cell.length_b   109.970
_cell.length_c   84.950
_cell.angle_alpha   90.00
_cell.angle_beta   90.00
_cell.angle_gamma   90.00
#
_symmetry.space_group_name_H-M   'P 43 21 2'
#
loop_
_entity.id
_entity.type
_entity.pdbx_description
1 polymer 'Type VI secretion exported 3'
2 polymer 'Tse3-specific immunity protein'
3 non-polymer 1,2-ETHANEDIOL
4 non-polymer 'CALCIUM ION'
5 water water
#
loop_
_entity_poly.entity_id
_entity_poly.type
_entity_poly.pdbx_seq_one_letter_code
_entity_poly.pdbx_strand_id
1 'polypeptide(L)'
;(MSE)TATSDLIESLISYSWDDWQVTRQEARRVIAAIRNDNVPDATIAALDKSGSLIKLFQRVGPPELARSLIASIAGRT
T(MSE)QRYQARNALIRSLINNPLGTQTDNWIYFPTITFFDICADLADAAGRLGFAAAGATGVASQAIQGPFSGVGATGV
NPTDLPSIAFGDQLKLLNKDPATVTKYSNPLGDLGAYLSQLSPQDKLNQAQTLVGQPISTLFPDAYPGNPPSRAKV
(MSE)SAAARKYDLTPQLIGAIILAEQRDQTRDEDAKDYQAAVSIKSANTSIGLGQVVVSTAIKYELFTDLLGQPVRRGL
SRKAVATLLASDEFNIFATARYIRYVANLASQQDLRKLPKTRGAFPSIDLRAYAGNPRNWPRDNVRALASEYTSRPWDDN
LSPGWP(MSE)FVDDAYATFLDPG(MSE)RFPLEHHHHHH
;
A
2 'polypeptide(L)'
;(MSE)KTVALILASLALLACTAESGVDFDKTLTHPNGLVVERPVGFDARRSAEGFRFDEGGKLRNPRQLEVQRQDAPPPP
DLASRRLGDGEARYKVEEDDGGSAGSEYRLWAAKPAGARWIVVSASEQSEDGEPTFALAWALLERARLQLEHHHHHH
;
B
#
loop_
_chem_comp.id
_chem_comp.type
_chem_comp.name
_chem_comp.formula
CA non-polymer 'CALCIUM ION' 'Ca 2'
EDO non-polymer 1,2-ETHANEDIOL 'C2 H6 O2'
#
# COMPACT_ATOMS: atom_id res chain seq x y z
N THR A 2 5.85 -31.69 -31.39
CA THR A 2 4.47 -31.59 -30.91
C THR A 2 3.58 -30.90 -31.94
N ALA A 3 2.28 -31.06 -31.79
CA ALA A 3 1.32 -30.38 -32.65
C ALA A 3 1.52 -28.87 -32.60
N THR A 4 1.80 -28.37 -31.40
CA THR A 4 1.97 -26.93 -31.21
C THR A 4 3.25 -26.43 -31.84
N SER A 5 4.35 -27.16 -31.65
CA SER A 5 5.63 -26.74 -32.24
C SER A 5 5.53 -26.77 -33.77
N ASP A 6 4.79 -27.76 -34.29
CA ASP A 6 4.59 -27.86 -35.73
C ASP A 6 3.81 -26.66 -36.25
N LEU A 7 2.69 -26.36 -35.61
CA LEU A 7 1.89 -25.20 -35.96
C LEU A 7 2.74 -23.92 -35.94
N ILE A 8 3.56 -23.77 -34.90
CA ILE A 8 4.37 -22.57 -34.77
C ILE A 8 5.42 -22.49 -35.88
N GLU A 9 6.06 -23.61 -36.19
CA GLU A 9 7.07 -23.62 -37.23
C GLU A 9 6.47 -23.30 -38.60
N SER A 10 5.23 -23.71 -38.81
CA SER A 10 4.55 -23.43 -40.07
C SER A 10 4.30 -21.94 -40.28
N LEU A 11 4.09 -21.21 -39.18
CA LEU A 11 3.89 -19.76 -39.27
C LEU A 11 5.22 -19.01 -39.26
N ILE A 12 6.32 -19.76 -39.41
CA ILE A 12 7.65 -19.18 -39.38
C ILE A 12 8.49 -19.66 -40.56
N GLN A 20 8.03 -8.83 -38.70
CA GLN A 20 7.05 -9.05 -37.64
C GLN A 20 5.78 -9.67 -38.20
N VAL A 21 5.26 -10.69 -37.53
CA VAL A 21 3.99 -11.28 -37.93
C VAL A 21 2.87 -10.30 -37.63
N THR A 22 1.70 -10.52 -38.24
CA THR A 22 0.55 -9.66 -37.97
C THR A 22 0.07 -9.84 -36.53
N ARG A 23 -0.79 -8.94 -36.07
CA ARG A 23 -1.38 -9.04 -34.74
C ARG A 23 -2.20 -10.32 -34.64
N GLN A 24 -2.83 -10.67 -35.76
CA GLN A 24 -3.65 -11.88 -35.86
C GLN A 24 -2.81 -13.15 -35.69
N GLU A 25 -1.74 -13.24 -36.47
CA GLU A 25 -0.82 -14.37 -36.40
C GLU A 25 -0.23 -14.52 -34.99
N ALA A 26 0.15 -13.40 -34.38
CA ALA A 26 0.72 -13.39 -33.05
C ALA A 26 -0.29 -13.93 -32.03
N ARG A 27 -1.51 -13.42 -32.10
CA ARG A 27 -2.54 -13.85 -31.15
C ARG A 27 -2.84 -15.34 -31.33
N ARG A 28 -2.74 -15.82 -32.57
CA ARG A 28 -2.91 -17.24 -32.87
C ARG A 28 -1.83 -18.10 -32.22
N VAL A 29 -0.59 -17.66 -32.37
CA VAL A 29 0.55 -18.40 -31.81
C VAL A 29 0.48 -18.42 -30.28
N ILE A 30 0.20 -17.27 -29.69
CA ILE A 30 0.07 -17.16 -28.22
C ILE A 30 -1.03 -18.08 -27.73
N ALA A 31 -2.18 -18.03 -28.39
CA ALA A 31 -3.30 -18.89 -28.03
C ALA A 31 -2.89 -20.36 -28.08
N ALA A 32 -2.09 -20.71 -29.09
CA ALA A 32 -1.64 -22.08 -29.25
C ALA A 32 -0.71 -22.51 -28.10
N ILE A 33 0.22 -21.63 -27.75
CA ILE A 33 1.10 -21.88 -26.61
C ILE A 33 0.29 -22.06 -25.32
N ARG A 34 -0.76 -21.26 -25.16
CA ARG A 34 -1.52 -21.27 -23.92
C ARG A 34 -2.44 -22.48 -23.84
N ASN A 35 -2.85 -22.99 -24.99
CA ASN A 35 -3.71 -24.18 -25.03
C ASN A 35 -2.93 -25.50 -25.09
N ASP A 36 -1.61 -25.41 -25.15
CA ASP A 36 -0.75 -26.58 -25.29
C ASP A 36 -0.75 -27.47 -24.04
N ASN A 37 -0.88 -28.78 -24.25
CA ASN A 37 -0.87 -29.73 -23.15
C ASN A 37 0.54 -30.24 -22.83
N VAL A 38 1.47 -29.99 -23.75
CA VAL A 38 2.87 -30.38 -23.55
C VAL A 38 3.85 -29.21 -23.79
N PRO A 39 3.75 -28.15 -22.97
CA PRO A 39 4.54 -26.92 -23.14
C PRO A 39 6.05 -27.17 -23.19
N ASP A 40 6.54 -28.04 -22.31
CA ASP A 40 7.98 -28.31 -22.26
C ASP A 40 8.46 -28.98 -23.55
N ALA A 41 7.76 -30.03 -23.97
CA ALA A 41 8.12 -30.72 -25.22
C ALA A 41 8.10 -29.76 -26.43
N THR A 42 7.09 -28.90 -26.46
CA THR A 42 6.95 -27.89 -27.52
C THR A 42 8.14 -26.95 -27.54
N ILE A 43 8.50 -26.44 -26.37
CA ILE A 43 9.68 -25.57 -26.27
C ILE A 43 10.96 -26.30 -26.65
N ALA A 44 11.09 -27.56 -26.27
CA ALA A 44 12.29 -28.34 -26.60
C ALA A 44 12.42 -28.45 -28.12
N ALA A 45 11.31 -28.77 -28.79
CA ALA A 45 11.31 -28.89 -30.24
C ALA A 45 11.70 -27.57 -30.90
N LEU A 46 11.10 -26.46 -30.44
CA LEU A 46 11.40 -25.16 -31.01
C LEU A 46 12.83 -24.70 -30.76
N ASP A 47 13.37 -25.09 -29.62
CA ASP A 47 14.74 -24.74 -29.24
C ASP A 47 15.70 -25.52 -30.13
N LYS A 48 15.37 -26.79 -30.37
CA LYS A 48 16.19 -27.64 -31.23
C LYS A 48 16.22 -27.13 -32.65
N SER A 49 15.05 -26.82 -33.20
CA SER A 49 14.96 -26.35 -34.58
C SER A 49 15.53 -24.95 -34.77
N GLY A 50 15.71 -24.22 -33.68
CA GLY A 50 16.20 -22.85 -33.77
C GLY A 50 15.11 -21.84 -34.01
N SER A 51 13.86 -22.30 -34.02
CA SER A 51 12.72 -21.44 -34.30
C SER A 51 12.22 -20.60 -33.11
N LEU A 52 12.68 -20.93 -31.90
CA LEU A 52 12.21 -20.22 -30.70
C LEU A 52 12.69 -18.78 -30.69
N ILE A 53 13.98 -18.60 -30.98
CA ILE A 53 14.57 -17.27 -31.11
C ILE A 53 13.81 -16.46 -32.15
N LYS A 54 13.49 -17.12 -33.26
CA LYS A 54 12.74 -16.48 -34.34
C LYS A 54 11.37 -16.03 -33.84
N LEU A 55 10.71 -16.90 -33.08
CA LEU A 55 9.42 -16.57 -32.48
C LEU A 55 9.51 -15.31 -31.62
N PHE A 56 10.53 -15.26 -30.76
CA PHE A 56 10.72 -14.12 -29.90
C PHE A 56 11.02 -12.84 -30.70
N GLN A 57 11.73 -12.99 -31.82
CA GLN A 57 12.06 -11.82 -32.64
C GLN A 57 10.89 -11.31 -33.47
N ARG A 58 10.02 -12.23 -33.89
CA ARG A 58 8.95 -11.88 -34.83
C ARG A 58 7.63 -11.50 -34.16
N VAL A 59 7.54 -11.72 -32.85
CA VAL A 59 6.36 -11.30 -32.11
C VAL A 59 6.59 -9.98 -31.40
N GLY A 60 6.10 -8.91 -32.01
CA GLY A 60 6.07 -7.59 -31.40
C GLY A 60 4.71 -7.03 -31.77
N PRO A 61 4.37 -5.83 -31.30
CA PRO A 61 5.08 -4.91 -30.41
C PRO A 61 5.11 -5.44 -28.96
N PRO A 62 5.75 -4.71 -28.03
CA PRO A 62 5.84 -5.12 -26.62
C PRO A 62 4.60 -5.74 -25.97
N GLU A 63 3.41 -5.26 -26.30
CA GLU A 63 2.17 -5.84 -25.76
C GLU A 63 2.08 -7.36 -26.03
N LEU A 64 2.25 -7.70 -27.30
CA LEU A 64 2.20 -9.09 -27.73
C LEU A 64 3.39 -9.87 -27.19
N ALA A 65 4.56 -9.26 -27.19
CA ALA A 65 5.75 -9.93 -26.65
C ALA A 65 5.55 -10.30 -25.17
N ARG A 66 4.96 -9.38 -24.41
CA ARG A 66 4.66 -9.65 -23.01
C ARG A 66 3.74 -10.84 -22.87
N SER A 67 2.66 -10.88 -23.66
CA SER A 67 1.77 -12.05 -23.59
C SER A 67 2.48 -13.39 -23.89
N LEU A 68 3.25 -13.39 -24.97
CA LEU A 68 4.03 -14.56 -25.37
C LEU A 68 5.03 -15.01 -24.28
N ILE A 69 5.80 -14.05 -23.80
CA ILE A 69 6.85 -14.33 -22.83
C ILE A 69 6.28 -14.83 -21.51
N ALA A 70 5.21 -14.17 -21.05
CA ALA A 70 4.55 -14.58 -19.81
C ALA A 70 4.01 -16.00 -19.93
N SER A 71 3.39 -16.29 -21.08
CA SER A 71 2.84 -17.61 -21.31
C SER A 71 3.94 -18.68 -21.27
N ILE A 72 5.01 -18.44 -22.02
CA ILE A 72 6.11 -19.42 -22.07
C ILE A 72 6.81 -19.60 -20.72
N ALA A 73 7.13 -18.49 -20.05
CA ALA A 73 7.82 -18.57 -18.77
C ALA A 73 6.95 -19.27 -17.74
N GLY A 74 5.66 -18.99 -17.78
CA GLY A 74 4.73 -19.56 -16.83
C GLY A 74 4.54 -21.06 -17.00
N ARG A 75 4.43 -21.51 -18.25
CA ARG A 75 4.11 -22.92 -18.51
C ARG A 75 5.29 -23.89 -18.56
N THR A 76 6.51 -23.36 -18.66
CA THR A 76 7.67 -24.23 -18.78
C THR A 76 8.25 -24.61 -17.44
N THR A 77 8.96 -25.73 -17.41
CA THR A 77 9.64 -26.18 -16.21
C THR A 77 10.99 -26.77 -16.59
N MSE A 78 10.95 -27.89 -17.31
CA MSE A 78 12.17 -28.57 -17.73
C MSE A 78 12.90 -27.78 -18.80
O MSE A 78 14.11 -27.94 -18.98
CB MSE A 78 11.84 -29.98 -18.22
CG MSE A 78 11.23 -30.91 -17.15
SE MSE A 78 12.33 -31.07 -15.54
CE MSE A 78 13.88 -32.03 -16.27
N GLN A 79 12.17 -26.94 -19.51
CA GLN A 79 12.72 -26.20 -20.66
C GLN A 79 12.70 -24.69 -20.42
N ARG A 80 12.36 -24.29 -19.20
CA ARG A 80 12.26 -22.86 -18.90
C ARG A 80 13.58 -22.12 -19.12
N TYR A 81 14.69 -22.67 -18.64
CA TYR A 81 15.97 -21.97 -18.79
C TYR A 81 16.44 -21.87 -20.25
N GLN A 82 16.14 -22.90 -21.06
CA GLN A 82 16.46 -22.83 -22.49
C GLN A 82 15.62 -21.73 -23.14
N ALA A 83 14.36 -21.65 -22.75
CA ALA A 83 13.48 -20.58 -23.23
C ALA A 83 14.03 -19.19 -22.87
N ARG A 84 14.45 -19.04 -21.61
CA ARG A 84 15.05 -17.80 -21.12
C ARG A 84 16.30 -17.43 -21.94
N ASN A 85 17.15 -18.40 -22.20
CA ASN A 85 18.34 -18.17 -23.03
C ASN A 85 17.98 -17.74 -24.45
N ALA A 86 16.96 -18.37 -25.03
CA ALA A 86 16.53 -18.03 -26.38
C ALA A 86 16.02 -16.59 -26.42
N LEU A 87 15.22 -16.21 -25.42
CA LEU A 87 14.77 -14.83 -25.25
C LEU A 87 15.94 -13.83 -25.15
N ILE A 88 16.89 -14.14 -24.28
CA ILE A 88 18.08 -13.31 -24.13
C ILE A 88 18.77 -13.11 -25.47
N ARG A 89 18.96 -14.20 -26.21
CA ARG A 89 19.61 -14.13 -27.52
C ARG A 89 18.81 -13.26 -28.49
N SER A 90 17.49 -13.35 -28.41
CA SER A 90 16.63 -12.57 -29.28
C SER A 90 16.67 -11.07 -28.95
N LEU A 91 17.11 -10.73 -27.74
CA LEU A 91 17.15 -9.33 -27.33
C LEU A 91 18.44 -8.58 -27.70
N ILE A 92 19.35 -9.25 -28.38
CA ILE A 92 20.67 -8.67 -28.68
C ILE A 92 20.56 -7.42 -29.56
N ASN A 93 19.67 -7.46 -30.54
CA ASN A 93 19.40 -6.28 -31.36
C ASN A 93 18.14 -5.52 -30.95
N ASN A 94 17.47 -5.99 -29.89
CA ASN A 94 16.26 -5.33 -29.38
C ASN A 94 16.39 -4.98 -27.89
N PRO A 95 17.10 -3.90 -27.56
CA PRO A 95 17.32 -3.52 -26.17
C PRO A 95 16.04 -3.19 -25.40
N LEU A 96 15.01 -2.74 -26.11
CA LEU A 96 13.76 -2.33 -25.46
C LEU A 96 12.99 -3.49 -24.86
N GLY A 97 12.80 -4.54 -25.67
CA GLY A 97 12.06 -5.72 -25.24
C GLY A 97 10.66 -5.41 -24.73
N THR A 98 10.36 -5.84 -23.51
CA THR A 98 9.02 -5.63 -22.93
C THR A 98 9.02 -4.42 -21.98
N GLN A 99 10.11 -3.67 -21.98
CA GLN A 99 10.28 -2.57 -21.02
C GLN A 99 9.60 -1.30 -21.54
N THR A 100 8.27 -1.32 -21.62
CA THR A 100 7.49 -0.17 -22.08
C THR A 100 6.23 -0.05 -21.24
N ASP A 101 5.55 1.09 -21.35
CA ASP A 101 4.24 1.26 -20.72
C ASP A 101 4.30 0.96 -19.22
N ASN A 102 3.35 0.17 -18.73
CA ASN A 102 3.27 -0.16 -17.31
C ASN A 102 4.49 -0.95 -16.81
N TRP A 103 5.24 -1.53 -17.73
CA TRP A 103 6.33 -2.44 -17.38
C TRP A 103 7.72 -1.82 -17.57
N ILE A 104 7.77 -0.50 -17.65
CA ILE A 104 9.03 0.19 -17.93
C ILE A 104 10.08 -0.01 -16.83
N TYR A 105 9.67 -0.43 -15.64
CA TYR A 105 10.64 -0.63 -14.56
C TYR A 105 11.08 -2.09 -14.38
N PHE A 106 10.65 -2.94 -15.31
CA PHE A 106 11.05 -4.34 -15.33
C PHE A 106 11.92 -4.59 -16.56
N PRO A 107 13.23 -4.85 -16.37
CA PRO A 107 14.03 -5.38 -17.49
C PRO A 107 13.35 -6.62 -18.04
N THR A 108 13.49 -6.87 -19.34
CA THR A 108 12.72 -7.92 -20.00
C THR A 108 12.90 -9.28 -19.34
N ILE A 109 14.14 -9.60 -18.99
CA ILE A 109 14.41 -10.88 -18.35
C ILE A 109 13.82 -10.91 -16.94
N THR A 110 13.78 -9.75 -16.27
CA THR A 110 13.11 -9.66 -14.98
C THR A 110 11.61 -9.95 -15.15
N PHE A 111 11.02 -9.45 -16.23
CA PHE A 111 9.62 -9.75 -16.54
C PHE A 111 9.43 -11.27 -16.69
N PHE A 112 10.29 -11.89 -17.48
CA PHE A 112 10.27 -13.35 -17.66
C PHE A 112 10.31 -14.05 -16.30
N ASP A 113 11.29 -13.69 -15.47
CA ASP A 113 11.52 -14.33 -14.18
C ASP A 113 10.37 -14.12 -13.20
N ILE A 114 9.80 -12.92 -13.22
CA ILE A 114 8.63 -12.64 -12.40
C ILE A 114 7.49 -13.55 -12.82
N CYS A 115 7.23 -13.66 -14.12
CA CYS A 115 6.15 -14.51 -14.61
C CYS A 115 6.34 -15.98 -14.23
N ALA A 116 7.58 -16.45 -14.36
CA ALA A 116 7.91 -17.83 -13.98
C ALA A 116 7.65 -18.09 -12.48
N ASP A 117 8.22 -17.22 -11.64
CA ASP A 117 8.07 -17.36 -10.19
C ASP A 117 6.61 -17.25 -9.77
N LEU A 118 5.88 -16.33 -10.39
CA LEU A 118 4.48 -16.13 -10.05
C LEU A 118 3.63 -17.32 -10.45
N ALA A 119 3.82 -17.83 -11.66
CA ALA A 119 3.10 -19.03 -12.06
C ALA A 119 3.35 -20.18 -11.09
N ASP A 120 4.63 -20.37 -10.74
CA ASP A 120 4.98 -21.45 -9.82
C ASP A 120 4.30 -21.27 -8.47
N ALA A 121 4.34 -20.04 -7.98
CA ALA A 121 3.77 -19.72 -6.67
C ALA A 121 2.26 -19.86 -6.64
N ALA A 122 1.58 -19.42 -7.70
CA ALA A 122 0.13 -19.56 -7.80
C ALA A 122 -0.25 -21.03 -7.78
N GLY A 123 0.55 -21.85 -8.47
CA GLY A 123 0.31 -23.29 -8.44
C GLY A 123 0.48 -23.85 -7.03
N ARG A 124 1.64 -23.56 -6.44
CA ARG A 124 2.04 -24.07 -5.14
C ARG A 124 1.12 -23.62 -4.00
N LEU A 125 0.69 -22.36 -4.05
CA LEU A 125 -0.09 -21.74 -2.98
C LEU A 125 -1.60 -21.84 -3.17
N GLY A 126 -2.02 -22.23 -4.37
CA GLY A 126 -3.43 -22.49 -4.61
C GLY A 126 -4.25 -21.28 -4.99
N PHE A 127 -3.71 -20.43 -5.86
CA PHE A 127 -4.51 -19.33 -6.43
C PHE A 127 -4.40 -19.21 -7.94
N ALA A 128 -3.98 -20.29 -8.59
CA ALA A 128 -3.84 -20.27 -10.04
C ALA A 128 -5.18 -20.19 -10.79
N ALA A 129 -6.20 -20.86 -10.26
CA ALA A 129 -7.41 -21.14 -11.02
C ALA A 129 -8.42 -20.00 -11.01
N ALA A 130 -9.01 -19.71 -12.16
CA ALA A 130 -9.99 -18.62 -12.24
C ALA A 130 -11.41 -19.08 -11.84
N GLY A 131 -12.33 -18.13 -11.65
CA GLY A 131 -13.73 -18.50 -11.45
C GLY A 131 -14.78 -17.47 -11.04
N ALA A 132 -14.47 -16.17 -11.11
CA ALA A 132 -15.40 -15.17 -10.59
C ALA A 132 -15.94 -14.16 -11.61
N THR A 133 -15.03 -13.51 -12.34
CA THR A 133 -15.37 -12.65 -13.51
C THR A 133 -15.83 -11.19 -13.29
N GLY A 134 -16.54 -10.91 -12.19
CA GLY A 134 -16.97 -9.55 -11.90
C GLY A 134 -17.67 -9.43 -10.56
N VAL A 135 -18.28 -8.28 -10.27
CA VAL A 135 -18.31 -7.11 -11.17
C VAL A 135 -17.75 -5.87 -10.45
N ALA A 136 -17.01 -5.03 -11.18
CA ALA A 136 -16.36 -3.85 -10.59
C ALA A 136 -17.27 -2.62 -10.54
N SER A 137 -17.00 -1.75 -9.58
CA SER A 137 -17.66 -0.44 -9.53
C SER A 137 -17.21 0.47 -10.69
N GLN A 138 -18.12 1.33 -11.14
CA GLN A 138 -17.81 2.34 -12.17
C GLN A 138 -17.44 3.70 -11.59
N ALA A 139 -17.37 3.80 -10.26
CA ALA A 139 -17.03 5.08 -9.62
C ALA A 139 -15.67 5.63 -10.06
N ILE A 140 -15.56 6.95 -10.16
CA ILE A 140 -14.26 7.56 -10.45
C ILE A 140 -13.91 8.67 -9.47
N GLN A 141 -14.81 8.94 -8.53
CA GLN A 141 -14.62 10.02 -7.54
C GLN A 141 -15.09 9.57 -6.17
N GLY A 142 -14.52 10.15 -5.12
CA GLY A 142 -15.02 9.91 -3.77
C GLY A 142 -14.50 8.63 -3.13
N PRO A 143 -14.88 8.39 -1.87
CA PRO A 143 -14.44 7.17 -1.15
C PRO A 143 -14.83 5.91 -1.94
N PHE A 144 -14.01 4.87 -1.81
CA PHE A 144 -14.22 3.61 -2.53
C PHE A 144 -14.27 3.85 -4.05
N SER A 145 -13.33 4.63 -4.57
CA SER A 145 -13.17 4.74 -6.04
C SER A 145 -11.77 4.36 -6.50
N GLY A 146 -11.02 3.70 -5.61
CA GLY A 146 -9.70 3.21 -5.97
C GLY A 146 -9.82 1.83 -6.59
N VAL A 147 -8.68 1.20 -6.87
CA VAL A 147 -8.63 -0.08 -7.56
C VAL A 147 -9.44 -1.19 -6.85
N GLY A 148 -9.52 -1.11 -5.53
CA GLY A 148 -10.32 -2.08 -4.79
C GLY A 148 -11.76 -2.13 -5.31
N ALA A 149 -12.31 -0.96 -5.57
CA ALA A 149 -13.69 -0.86 -6.03
C ALA A 149 -13.79 -1.10 -7.53
N THR A 150 -12.87 -0.49 -8.29
CA THR A 150 -13.04 -0.32 -9.72
C THR A 150 -12.28 -1.31 -10.61
N GLY A 151 -11.25 -1.93 -10.07
CA GLY A 151 -10.42 -2.82 -10.86
C GLY A 151 -9.51 -2.09 -11.83
N VAL A 152 -9.52 -0.76 -11.80
CA VAL A 152 -8.66 0.03 -12.67
C VAL A 152 -7.28 0.12 -12.01
N ASN A 153 -6.29 -0.48 -12.64
CA ASN A 153 -4.95 -0.54 -12.05
C ASN A 153 -4.38 0.84 -11.89
N PRO A 154 -3.69 1.09 -10.75
CA PRO A 154 -3.14 2.43 -10.57
C PRO A 154 -2.14 2.78 -11.67
N THR A 155 -1.48 1.77 -12.23
CA THR A 155 -0.50 2.02 -13.30
C THR A 155 -1.16 2.42 -14.63
N ASP A 156 -2.46 2.22 -14.74
CA ASP A 156 -3.19 2.57 -15.96
C ASP A 156 -3.76 3.98 -15.92
N LEU A 157 -3.71 4.62 -14.75
CA LEU A 157 -4.28 5.96 -14.61
C LEU A 157 -3.47 7.02 -15.37
N PRO A 158 -4.15 8.00 -15.98
CA PRO A 158 -3.48 9.06 -16.72
C PRO A 158 -2.51 9.84 -15.84
N SER A 159 -1.41 10.32 -16.42
CA SER A 159 -0.48 11.20 -15.73
C SER A 159 -1.19 12.36 -15.05
N ILE A 160 -0.85 12.60 -13.80
CA ILE A 160 -1.36 13.76 -13.08
C ILE A 160 -0.89 15.01 -13.83
N ALA A 161 -1.75 16.02 -13.92
CA ALA A 161 -1.38 17.27 -14.58
C ALA A 161 -0.08 17.87 -14.02
N PHE A 162 0.77 18.38 -14.90
CA PHE A 162 2.08 18.92 -14.52
C PHE A 162 2.02 19.92 -13.37
N GLY A 163 1.03 20.81 -13.44
CA GLY A 163 0.89 21.86 -12.45
C GLY A 163 0.53 21.29 -11.09
N ASP A 164 -0.27 20.22 -11.13
CA ASP A 164 -0.64 19.52 -9.92
C ASP A 164 0.59 18.82 -9.35
N GLN A 165 1.44 18.28 -10.21
CA GLN A 165 2.70 17.70 -9.74
C GLN A 165 3.55 18.74 -9.01
N LEU A 166 3.56 19.96 -9.54
CA LEU A 166 4.37 21.02 -8.93
C LEU A 166 3.80 21.46 -7.58
N LYS A 167 2.48 21.62 -7.53
CA LYS A 167 1.83 21.99 -6.27
C LYS A 167 1.97 20.91 -5.21
N LEU A 168 1.95 19.65 -5.65
CA LEU A 168 2.14 18.53 -4.72
C LEU A 168 3.56 18.59 -4.18
N LEU A 169 4.52 18.80 -5.07
CA LEU A 169 5.91 18.93 -4.66
C LEU A 169 6.09 20.03 -3.60
N ASN A 170 5.40 21.15 -3.81
CA ASN A 170 5.48 22.28 -2.88
C ASN A 170 4.47 22.20 -1.72
N LYS A 171 3.85 21.04 -1.57
CA LYS A 171 2.93 20.77 -0.45
C LYS A 171 1.74 21.73 -0.37
N ASP A 172 1.20 22.11 -1.52
CA ASP A 172 0.02 22.95 -1.59
C ASP A 172 -1.18 22.22 -0.97
N PRO A 173 -1.77 22.80 0.10
CA PRO A 173 -2.79 22.09 0.87
C PRO A 173 -3.98 21.59 0.06
N ALA A 174 -4.54 22.43 -0.82
CA ALA A 174 -5.72 22.01 -1.59
C ALA A 174 -5.39 20.81 -2.49
N THR A 175 -4.23 20.89 -3.13
CA THR A 175 -3.83 19.84 -4.06
C THR A 175 -3.47 18.58 -3.30
N VAL A 176 -2.73 18.73 -2.20
CA VAL A 176 -2.38 17.57 -1.38
C VAL A 176 -3.66 16.87 -0.92
N THR A 177 -4.64 17.66 -0.49
CA THR A 177 -5.92 17.14 -0.05
C THR A 177 -6.64 16.35 -1.15
N LYS A 178 -6.65 16.92 -2.35
CA LYS A 178 -7.27 16.24 -3.50
C LYS A 178 -6.73 14.81 -3.69
N TYR A 179 -5.42 14.64 -3.47
CA TYR A 179 -4.77 13.36 -3.76
C TYR A 179 -4.54 12.46 -2.55
N SER A 180 -5.18 12.79 -1.43
CA SER A 180 -4.95 12.05 -0.17
C SER A 180 -6.21 11.31 0.27
N ASN A 181 -6.15 10.61 1.40
CA ASN A 181 -7.32 9.93 1.96
C ASN A 181 -8.54 10.84 1.96
N PRO A 182 -9.67 10.34 1.47
CA PRO A 182 -10.90 11.15 1.39
C PRO A 182 -11.69 11.26 2.69
N LEU A 183 -11.44 10.38 3.65
CA LEU A 183 -12.29 10.33 4.84
C LEU A 183 -11.72 11.09 6.03
N GLY A 184 -12.56 11.86 6.70
CA GLY A 184 -12.22 12.40 8.00
C GLY A 184 -12.94 11.58 9.07
N ASP A 185 -14.21 11.92 9.31
CA ASP A 185 -15.03 11.22 10.28
C ASP A 185 -15.37 9.82 9.76
N LEU A 186 -14.69 8.79 10.28
CA LEU A 186 -14.89 7.43 9.79
C LEU A 186 -16.24 6.86 10.20
N GLY A 187 -16.64 7.17 11.44
CA GLY A 187 -17.92 6.74 11.95
C GLY A 187 -19.07 7.22 11.08
N ALA A 188 -19.01 8.48 10.67
CA ALA A 188 -20.05 9.06 9.84
C ALA A 188 -20.05 8.42 8.47
N TYR A 189 -18.87 8.11 7.96
CA TYR A 189 -18.82 7.43 6.66
C TYR A 189 -19.57 6.11 6.76
N LEU A 190 -19.34 5.35 7.82
CA LEU A 190 -20.01 4.05 7.91
C LEU A 190 -21.52 4.18 8.17
N SER A 191 -21.90 5.18 8.96
CA SER A 191 -23.28 5.27 9.40
C SER A 191 -24.25 5.58 8.25
N GLN A 192 -23.73 6.12 7.15
CA GLN A 192 -24.56 6.39 5.98
C GLN A 192 -24.77 5.16 5.09
N LEU A 193 -24.08 4.07 5.38
CA LEU A 193 -24.22 2.87 4.56
C LEU A 193 -25.12 1.86 5.25
N SER A 194 -26.09 1.31 4.53
CA SER A 194 -26.89 0.23 5.08
C SER A 194 -26.02 -1.02 5.18
N PRO A 195 -26.44 -2.00 5.98
CA PRO A 195 -25.69 -3.28 6.03
C PRO A 195 -25.55 -3.91 4.64
N GLN A 196 -26.60 -3.75 3.82
CA GLN A 196 -26.55 -4.28 2.46
C GLN A 196 -25.56 -3.48 1.62
N ASP A 197 -25.51 -2.16 1.80
CA ASP A 197 -24.55 -1.31 1.08
C ASP A 197 -23.12 -1.79 1.38
N LYS A 198 -22.88 -2.09 2.65
CA LYS A 198 -21.57 -2.55 3.13
C LYS A 198 -21.20 -3.91 2.55
N LEU A 199 -22.15 -4.84 2.58
CA LEU A 199 -21.93 -6.15 1.99
C LEU A 199 -21.64 -6.00 0.50
N ASN A 200 -22.37 -5.10 -0.14
CA ASN A 200 -22.18 -4.85 -1.56
C ASN A 200 -20.74 -4.38 -1.84
N GLN A 201 -20.22 -3.47 -1.02
CA GLN A 201 -18.82 -3.06 -1.19
C GLN A 201 -17.87 -4.25 -1.01
N ALA A 202 -18.08 -5.03 0.05
CA ALA A 202 -17.18 -6.17 0.33
C ALA A 202 -17.18 -7.19 -0.81
N GLN A 203 -18.37 -7.49 -1.31
CA GLN A 203 -18.50 -8.45 -2.38
C GLN A 203 -17.88 -7.92 -3.66
N THR A 204 -18.09 -6.63 -3.93
CA THR A 204 -17.47 -6.00 -5.11
C THR A 204 -15.94 -6.10 -5.03
N LEU A 205 -15.42 -5.77 -3.86
CA LEU A 205 -13.99 -5.84 -3.60
C LEU A 205 -13.41 -7.24 -3.84
N VAL A 206 -13.98 -8.27 -3.20
CA VAL A 206 -13.33 -9.58 -3.23
C VAL A 206 -13.75 -10.46 -4.43
N GLY A 207 -14.91 -10.16 -5.02
CA GLY A 207 -15.48 -11.02 -6.05
C GLY A 207 -14.92 -10.78 -7.45
N GLN A 208 -14.30 -9.64 -7.68
CA GLN A 208 -13.84 -9.33 -9.02
C GLN A 208 -12.44 -9.93 -9.25
N PRO A 209 -12.05 -10.11 -10.52
CA PRO A 209 -10.72 -10.62 -10.83
C PRO A 209 -9.62 -9.70 -10.29
N ILE A 210 -8.46 -10.26 -9.96
CA ILE A 210 -7.32 -9.41 -9.59
C ILE A 210 -6.96 -8.50 -10.76
N SER A 211 -6.64 -7.26 -10.46
CA SER A 211 -6.03 -6.36 -11.44
C SER A 211 -4.53 -6.65 -11.39
N THR A 212 -4.05 -7.44 -12.36
CA THR A 212 -2.68 -7.92 -12.33
C THR A 212 -1.85 -7.37 -13.49
N LEU A 213 -0.56 -7.14 -13.22
CA LEU A 213 0.33 -6.73 -14.29
C LEU A 213 0.86 -7.92 -15.09
N PHE A 214 0.51 -9.15 -14.66
CA PHE A 214 1.05 -10.34 -15.33
C PHE A 214 -0.03 -11.37 -15.62
N PRO A 215 -1.08 -10.97 -16.33
CA PRO A 215 -2.21 -11.88 -16.54
C PRO A 215 -1.85 -13.20 -17.23
N ASP A 216 -0.91 -13.20 -18.18
CA ASP A 216 -0.62 -14.42 -18.92
C ASP A 216 0.30 -15.38 -18.15
N ALA A 217 0.74 -14.96 -16.96
CA ALA A 217 1.43 -15.87 -16.06
C ALA A 217 0.48 -16.94 -15.52
N TYR A 218 -0.82 -16.68 -15.55
CA TYR A 218 -1.83 -17.63 -15.07
C TYR A 218 -2.20 -18.63 -16.18
N PRO A 219 -2.59 -19.85 -15.80
CA PRO A 219 -2.95 -20.89 -16.78
C PRO A 219 -4.18 -20.50 -17.59
N GLY A 220 -5.09 -19.75 -16.97
CA GLY A 220 -6.28 -19.25 -17.65
C GLY A 220 -6.47 -17.77 -17.38
N ASN A 221 -7.71 -17.35 -17.16
CA ASN A 221 -7.98 -15.97 -16.76
C ASN A 221 -7.47 -15.74 -15.33
N PRO A 222 -7.21 -14.47 -14.96
CA PRO A 222 -6.74 -14.23 -13.57
C PRO A 222 -7.77 -14.62 -12.51
N PRO A 223 -7.30 -15.08 -11.35
CA PRO A 223 -8.19 -15.49 -10.26
C PRO A 223 -8.92 -14.30 -9.61
N SER A 224 -10.00 -14.60 -8.89
CA SER A 224 -10.68 -13.60 -8.07
C SER A 224 -9.76 -13.13 -6.95
N ARG A 225 -9.99 -11.92 -6.46
CA ARG A 225 -9.27 -11.48 -5.27
C ARG A 225 -9.52 -12.42 -4.10
N ALA A 226 -10.75 -12.92 -3.99
CA ALA A 226 -11.12 -13.84 -2.90
C ALA A 226 -10.24 -15.09 -2.89
N LYS A 227 -10.00 -15.66 -4.06
CA LYS A 227 -9.12 -16.82 -4.19
C LYS A 227 -7.69 -16.53 -3.71
N VAL A 228 -7.16 -15.37 -4.10
CA VAL A 228 -5.82 -14.98 -3.67
C VAL A 228 -5.75 -14.72 -2.15
N MSE A 229 -6.77 -14.04 -1.63
CA MSE A 229 -6.87 -13.80 -0.19
C MSE A 229 -6.95 -15.10 0.60
O MSE A 229 -6.32 -15.22 1.65
CB MSE A 229 -8.08 -12.90 0.10
CG MSE A 229 -7.96 -11.53 -0.51
SE MSE A 229 -9.61 -10.53 -0.25
CE MSE A 229 -10.11 -11.20 1.49
N SER A 230 -7.73 -16.07 0.12
CA SER A 230 -7.78 -17.36 0.80
C SER A 230 -6.41 -18.02 0.80
N ALA A 231 -5.73 -17.97 -0.35
CA ALA A 231 -4.39 -18.53 -0.43
C ALA A 231 -3.41 -17.88 0.57
N ALA A 232 -3.42 -16.55 0.61
CA ALA A 232 -2.59 -15.82 1.55
C ALA A 232 -2.95 -16.18 2.98
N ALA A 233 -4.24 -16.30 3.27
CA ALA A 233 -4.70 -16.67 4.61
C ALA A 233 -4.13 -18.00 5.03
N ARG A 234 -4.18 -18.97 4.12
CA ARG A 234 -3.62 -20.28 4.41
C ARG A 234 -2.11 -20.19 4.68
N LYS A 235 -1.41 -19.44 3.84
CA LYS A 235 0.04 -19.33 3.96
C LYS A 235 0.50 -18.70 5.29
N TYR A 236 -0.23 -17.69 5.77
CA TYR A 236 0.18 -16.94 6.94
C TYR A 236 -0.66 -17.20 8.20
N ASP A 237 -1.44 -18.27 8.19
CA ASP A 237 -2.35 -18.62 9.31
C ASP A 237 -3.21 -17.42 9.71
N LEU A 238 -3.81 -16.80 8.71
CA LEU A 238 -4.78 -15.73 8.93
C LEU A 238 -6.13 -16.25 8.46
N THR A 239 -7.07 -15.35 8.19
CA THR A 239 -8.32 -15.74 7.55
C THR A 239 -8.58 -14.75 6.42
N PRO A 240 -9.32 -15.17 5.39
CA PRO A 240 -9.60 -14.18 4.35
C PRO A 240 -10.52 -13.08 4.87
N GLN A 241 -11.32 -13.35 5.90
CA GLN A 241 -12.18 -12.32 6.48
C GLN A 241 -11.35 -11.17 7.08
N LEU A 242 -10.24 -11.51 7.75
CA LEU A 242 -9.38 -10.49 8.35
C LEU A 242 -8.63 -9.68 7.29
N ILE A 243 -8.01 -10.40 6.35
CA ILE A 243 -7.32 -9.73 5.23
C ILE A 243 -8.31 -8.82 4.48
N GLY A 244 -9.50 -9.35 4.24
CA GLY A 244 -10.55 -8.60 3.59
C GLY A 244 -10.94 -7.34 4.34
N ALA A 245 -11.05 -7.44 5.66
CA ALA A 245 -11.42 -6.29 6.49
C ALA A 245 -10.36 -5.18 6.42
N ILE A 246 -9.11 -5.57 6.59
CA ILE A 246 -8.01 -4.60 6.47
C ILE A 246 -8.05 -3.87 5.11
N ILE A 247 -8.19 -4.65 4.03
CA ILE A 247 -8.20 -4.08 2.69
C ILE A 247 -9.45 -3.22 2.39
N LEU A 248 -10.61 -3.68 2.82
CA LEU A 248 -11.84 -2.92 2.62
C LEU A 248 -11.78 -1.58 3.35
N ALA A 249 -11.24 -1.58 4.57
CA ALA A 249 -11.02 -0.31 5.26
C ALA A 249 -10.10 0.61 4.44
N GLU A 250 -8.96 0.09 3.98
CA GLU A 250 -8.07 0.93 3.14
C GLU A 250 -8.78 1.50 1.92
N GLN A 251 -9.59 0.67 1.27
CA GLN A 251 -10.15 0.99 -0.03
C GLN A 251 -11.34 1.95 0.10
N ARG A 252 -12.00 1.91 1.25
CA ARG A 252 -13.01 2.93 1.55
C ARG A 252 -12.30 4.27 1.65
N ASP A 253 -11.15 4.26 2.33
CA ASP A 253 -10.35 5.49 2.48
C ASP A 253 -9.39 5.64 1.32
N GLN A 254 -9.91 5.60 0.10
CA GLN A 254 -9.09 5.60 -1.11
C GLN A 254 -9.91 6.16 -2.26
N THR A 255 -9.25 6.90 -3.14
CA THR A 255 -9.90 7.40 -4.34
C THR A 255 -9.05 7.07 -5.55
N ARG A 256 -9.63 7.20 -6.73
CA ARG A 256 -8.88 7.02 -7.96
C ARG A 256 -7.71 7.99 -7.98
N ASP A 257 -7.98 9.23 -7.54
CA ASP A 257 -6.93 10.26 -7.51
C ASP A 257 -5.78 9.82 -6.59
N GLU A 258 -6.13 9.30 -5.42
CA GLU A 258 -5.05 8.85 -4.52
C GLU A 258 -4.25 7.72 -5.16
N ASP A 259 -4.91 6.80 -5.86
CA ASP A 259 -4.17 5.74 -6.55
C ASP A 259 -3.16 6.33 -7.52
N ALA A 260 -3.62 7.32 -8.30
CA ALA A 260 -2.74 7.95 -9.29
C ALA A 260 -1.52 8.56 -8.60
N LYS A 261 -1.76 9.30 -7.53
CA LYS A 261 -0.66 9.92 -6.77
C LYS A 261 0.25 8.86 -6.17
N ASP A 262 -0.33 7.90 -5.46
CA ASP A 262 0.43 6.82 -4.79
C ASP A 262 1.46 6.22 -5.74
N TYR A 263 0.98 5.78 -6.90
CA TYR A 263 1.91 5.16 -7.86
C TYR A 263 2.86 6.16 -8.54
N GLN A 264 2.31 7.22 -9.12
CA GLN A 264 3.15 8.14 -9.87
C GLN A 264 4.22 8.83 -9.00
N ALA A 265 3.86 9.19 -7.78
CA ALA A 265 4.85 9.77 -6.86
C ALA A 265 5.92 8.73 -6.53
N ALA A 266 5.51 7.47 -6.32
CA ALA A 266 6.53 6.43 -6.05
C ALA A 266 7.55 6.24 -7.19
N VAL A 267 7.10 6.38 -8.43
CA VAL A 267 8.05 6.17 -9.54
C VAL A 267 8.62 7.45 -10.16
N SER A 268 8.26 8.59 -9.59
CA SER A 268 8.77 9.87 -10.06
C SER A 268 10.24 10.06 -9.68
N ILE A 269 10.81 11.20 -10.08
CA ILE A 269 12.17 11.57 -9.67
C ILE A 269 12.33 11.57 -8.15
N LYS A 270 11.23 11.73 -7.43
CA LYS A 270 11.28 11.78 -5.96
C LYS A 270 11.33 10.41 -5.27
N SER A 271 10.97 9.35 -6.00
CA SER A 271 10.91 8.01 -5.42
C SER A 271 10.18 8.00 -4.08
N ALA A 272 8.96 8.52 -4.09
CA ALA A 272 8.21 8.80 -2.88
C ALA A 272 7.89 7.51 -2.12
N ASN A 273 7.83 7.59 -0.80
CA ASN A 273 7.55 6.43 0.04
C ASN A 273 6.06 6.32 0.34
N THR A 274 5.25 6.23 -0.71
CA THR A 274 3.81 6.18 -0.58
C THR A 274 3.32 4.79 -0.17
N SER A 275 2.09 4.74 0.35
CA SER A 275 1.40 3.48 0.56
C SER A 275 0.57 3.20 -0.70
N ILE A 276 0.71 2.00 -1.24
CA ILE A 276 0.24 1.73 -2.58
C ILE A 276 -0.69 0.52 -2.60
N GLY A 277 -1.72 0.57 -3.44
CA GLY A 277 -2.47 -0.64 -3.78
C GLY A 277 -3.50 -1.03 -2.74
N LEU A 278 -3.99 -2.27 -2.87
CA LEU A 278 -5.14 -2.74 -2.11
C LEU A 278 -4.97 -2.56 -0.61
N GLY A 279 -3.90 -3.10 -0.06
CA GLY A 279 -3.66 -3.00 1.38
C GLY A 279 -2.85 -1.78 1.76
N GLN A 280 -2.60 -0.89 0.80
CA GLN A 280 -1.88 0.35 1.09
C GLN A 280 -0.54 0.09 1.79
N VAL A 281 0.27 -0.74 1.13
CA VAL A 281 1.56 -1.15 1.65
C VAL A 281 2.59 -0.09 1.29
N VAL A 282 3.40 0.31 2.27
CA VAL A 282 4.42 1.34 2.03
C VAL A 282 5.63 0.75 1.30
N VAL A 283 6.17 1.47 0.30
CA VAL A 283 7.26 0.94 -0.54
C VAL A 283 8.45 0.45 0.30
N SER A 284 8.97 1.35 1.14
CA SER A 284 10.15 0.98 1.92
C SER A 284 9.87 -0.20 2.86
N THR A 285 8.62 -0.37 3.26
CA THR A 285 8.23 -1.44 4.16
C THR A 285 8.20 -2.77 3.44
N ALA A 286 7.70 -2.76 2.21
CA ALA A 286 7.77 -3.95 1.35
C ALA A 286 9.22 -4.38 1.16
N ILE A 287 10.11 -3.42 1.01
CA ILE A 287 11.53 -3.75 0.83
C ILE A 287 12.17 -4.29 2.12
N LYS A 288 11.97 -3.56 3.21
CA LYS A 288 12.59 -3.88 4.50
C LYS A 288 12.17 -5.24 5.02
N TYR A 289 10.90 -5.58 4.82
CA TYR A 289 10.37 -6.83 5.33
C TYR A 289 10.25 -7.92 4.26
N GLU A 290 10.81 -7.66 3.08
CA GLU A 290 10.80 -8.59 1.96
C GLU A 290 9.42 -9.20 1.76
N LEU A 291 8.43 -8.33 1.62
CA LEU A 291 7.05 -8.78 1.65
C LEU A 291 6.63 -9.62 0.45
N PHE A 292 7.47 -9.71 -0.58
CA PHE A 292 7.14 -10.56 -1.73
C PHE A 292 7.78 -11.94 -1.62
N THR A 293 8.35 -12.25 -0.46
CA THR A 293 9.11 -13.51 -0.27
C THR A 293 8.41 -14.77 -0.80
N ASP A 294 7.09 -14.87 -0.62
CA ASP A 294 6.43 -16.14 -0.96
C ASP A 294 5.93 -16.23 -2.40
N LEU A 295 6.09 -15.16 -3.16
CA LEU A 295 5.73 -15.17 -4.58
C LEU A 295 6.95 -15.11 -5.50
N LEU A 296 8.03 -14.51 -5.02
CA LEU A 296 9.23 -14.32 -5.85
C LEU A 296 10.45 -14.87 -5.15
N GLY A 297 11.27 -15.60 -5.90
CA GLY A 297 12.48 -16.20 -5.35
C GLY A 297 13.53 -15.16 -5.04
N GLN A 298 14.53 -15.54 -4.24
CA GLN A 298 15.60 -14.62 -3.87
C GLN A 298 16.33 -13.92 -5.03
N PRO A 299 16.68 -14.66 -6.11
CA PRO A 299 17.37 -13.97 -7.22
C PRO A 299 16.58 -12.79 -7.82
N VAL A 300 15.30 -13.03 -8.07
CA VAL A 300 14.43 -11.97 -8.56
C VAL A 300 14.39 -10.83 -7.55
N ARG A 301 14.12 -11.17 -6.29
CA ARG A 301 13.99 -10.14 -5.26
C ARG A 301 15.24 -9.28 -5.10
N ARG A 302 16.41 -9.91 -5.11
CA ARG A 302 17.67 -9.18 -4.97
C ARG A 302 17.91 -8.30 -6.19
N GLY A 303 17.31 -8.65 -7.33
CA GLY A 303 17.44 -7.81 -8.50
C GLY A 303 16.51 -6.61 -8.62
N LEU A 304 15.40 -6.62 -7.89
CA LEU A 304 14.35 -5.60 -8.06
C LEU A 304 14.76 -4.17 -7.70
N SER A 305 14.53 -3.23 -8.61
CA SER A 305 14.69 -1.82 -8.26
C SER A 305 13.55 -1.36 -7.35
N ARG A 306 13.77 -0.25 -6.64
CA ARG A 306 12.73 0.31 -5.79
C ARG A 306 11.45 0.58 -6.58
N LYS A 307 11.60 1.10 -7.80
CA LYS A 307 10.45 1.45 -8.61
C LYS A 307 9.73 0.19 -9.12
N ALA A 308 10.51 -0.88 -9.34
CA ALA A 308 9.91 -2.16 -9.67
C ALA A 308 9.07 -2.67 -8.49
N VAL A 309 9.57 -2.49 -7.27
CA VAL A 309 8.77 -2.83 -6.07
C VAL A 309 7.46 -2.03 -5.99
N ALA A 310 7.54 -0.72 -6.18
CA ALA A 310 6.32 0.09 -6.18
C ALA A 310 5.29 -0.40 -7.22
N THR A 311 5.84 -0.74 -8.39
CA THR A 311 5.00 -1.21 -9.48
C THR A 311 4.32 -2.53 -9.11
N LEU A 312 5.09 -3.43 -8.50
CA LEU A 312 4.55 -4.71 -8.05
C LEU A 312 3.45 -4.52 -7.00
N LEU A 313 3.61 -3.50 -6.14
CA LEU A 313 2.56 -3.20 -5.16
C LEU A 313 1.28 -2.78 -5.85
N ALA A 314 1.39 -2.30 -7.09
CA ALA A 314 0.16 -2.02 -7.84
C ALA A 314 -0.48 -3.26 -8.53
N SER A 315 0.14 -4.43 -8.40
CA SER A 315 -0.45 -5.66 -8.94
C SER A 315 -1.14 -6.42 -7.80
N ASP A 316 -2.43 -6.69 -7.96
CA ASP A 316 -3.26 -7.11 -6.82
C ASP A 316 -2.75 -8.34 -6.05
N GLU A 317 -2.22 -9.34 -6.75
CA GLU A 317 -1.80 -10.56 -6.05
C GLU A 317 -0.56 -10.32 -5.19
N PHE A 318 0.40 -9.57 -5.72
CA PHE A 318 1.57 -9.21 -4.96
C PHE A 318 1.16 -8.39 -3.75
N ASN A 319 0.20 -7.51 -3.95
CA ASN A 319 -0.21 -6.63 -2.88
C ASN A 319 -0.94 -7.40 -1.77
N ILE A 320 -1.82 -8.31 -2.15
CA ILE A 320 -2.55 -9.13 -1.19
C ILE A 320 -1.59 -9.98 -0.38
N PHE A 321 -0.64 -10.61 -1.06
CA PHE A 321 0.36 -11.39 -0.30
C PHE A 321 1.23 -10.53 0.62
N ALA A 322 1.63 -9.36 0.15
CA ALA A 322 2.42 -8.46 0.97
C ALA A 322 1.65 -8.00 2.21
N THR A 323 0.39 -7.66 1.98
CA THR A 323 -0.54 -7.22 3.02
C THR A 323 -0.68 -8.31 4.08
N ALA A 324 -0.96 -9.53 3.64
CA ALA A 324 -1.15 -10.64 4.57
C ALA A 324 0.14 -10.96 5.34
N ARG A 325 1.26 -10.97 4.63
CA ARG A 325 2.52 -11.26 5.28
C ARG A 325 2.79 -10.21 6.35
N TYR A 326 2.49 -8.95 6.04
CA TYR A 326 2.71 -7.88 7.00
C TYR A 326 1.78 -7.99 8.20
N ILE A 327 0.53 -8.36 7.95
CA ILE A 327 -0.42 -8.57 9.05
C ILE A 327 0.10 -9.63 9.98
N ARG A 328 0.57 -10.73 9.41
CA ARG A 328 1.14 -11.80 10.24
C ARG A 328 2.38 -11.31 11.00
N TYR A 329 3.18 -10.46 10.37
CA TYR A 329 4.33 -9.85 11.05
C TYR A 329 3.91 -9.03 12.28
N VAL A 330 2.91 -8.17 12.09
CA VAL A 330 2.39 -7.33 13.16
C VAL A 330 1.81 -8.16 14.30
N ALA A 331 1.06 -9.20 13.95
CA ALA A 331 0.52 -10.11 14.96
C ALA A 331 1.64 -10.87 15.73
N ASN A 332 2.63 -11.39 15.03
CA ASN A 332 3.72 -12.12 15.68
C ASN A 332 4.46 -11.18 16.65
N LEU A 333 4.72 -9.97 16.16
CA LEU A 333 5.35 -8.94 17.00
C LEU A 333 4.53 -8.66 18.26
N ALA A 334 3.22 -8.51 18.11
CA ALA A 334 2.36 -8.29 19.26
C ALA A 334 2.49 -9.43 20.24
N SER A 335 2.52 -10.66 19.71
CA SER A 335 2.54 -11.84 20.57
C SER A 335 3.80 -11.88 21.42
N GLN A 336 4.84 -11.16 20.97
CA GLN A 336 6.05 -11.04 21.81
C GLN A 336 6.08 -9.92 22.87
N GLN A 337 5.05 -9.09 22.93
CA GLN A 337 5.08 -7.93 23.82
C GLN A 337 4.65 -8.19 25.27
N ASP A 338 4.94 -7.21 26.12
CA ASP A 338 4.52 -7.24 27.50
C ASP A 338 3.40 -6.22 27.66
N LEU A 339 2.18 -6.68 27.95
CA LEU A 339 1.04 -5.76 27.99
C LEU A 339 1.22 -4.67 29.04
N ARG A 340 1.98 -4.98 30.10
CA ARG A 340 2.25 -4.02 31.16
C ARG A 340 3.00 -2.80 30.62
N LYS A 341 3.71 -2.98 29.52
CA LYS A 341 4.45 -1.89 28.91
C LYS A 341 3.60 -1.15 27.88
N LEU A 342 2.36 -1.61 27.69
CA LEU A 342 1.45 -0.98 26.73
C LEU A 342 0.16 -0.56 27.41
N PRO A 343 0.26 0.34 28.41
CA PRO A 343 -0.95 0.67 29.16
C PRO A 343 -2.03 1.37 28.32
N LYS A 344 -1.65 2.19 27.35
CA LYS A 344 -2.66 2.86 26.52
C LYS A 344 -3.40 1.84 25.65
N THR A 345 -2.63 0.89 25.14
CA THR A 345 -3.18 -0.21 24.36
C THR A 345 -4.20 -1.00 25.20
N ARG A 346 -3.81 -1.34 26.42
CA ARG A 346 -4.73 -2.06 27.32
C ARG A 346 -5.97 -1.20 27.64
N GLY A 347 -5.78 0.10 27.80
CA GLY A 347 -6.91 0.98 28.09
C GLY A 347 -7.91 1.00 26.94
N ALA A 348 -7.41 1.05 25.72
CA ALA A 348 -8.30 1.15 24.55
C ALA A 348 -8.94 -0.20 24.19
N PHE A 349 -8.21 -1.28 24.47
CA PHE A 349 -8.63 -2.61 24.05
C PHE A 349 -8.46 -3.54 25.23
N PRO A 350 -9.34 -3.41 26.23
CA PRO A 350 -9.07 -4.07 27.53
C PRO A 350 -9.12 -5.60 27.49
N SER A 351 -9.73 -6.15 26.45
CA SER A 351 -9.81 -7.60 26.29
C SER A 351 -8.77 -8.16 25.33
N ILE A 352 -7.79 -7.34 24.97
CA ILE A 352 -6.72 -7.79 24.06
C ILE A 352 -5.97 -8.98 24.66
N ASP A 353 -5.64 -9.96 23.82
CA ASP A 353 -4.93 -11.16 24.27
C ASP A 353 -3.69 -11.29 23.40
N LEU A 354 -2.55 -10.86 23.92
CA LEU A 354 -1.35 -10.77 23.09
C LEU A 354 -0.89 -12.11 22.61
N ARG A 355 -0.95 -13.14 23.48
CA ARG A 355 -0.51 -14.48 23.06
C ARG A 355 -1.36 -15.04 21.93
N ALA A 356 -2.66 -14.75 21.97
CA ALA A 356 -3.58 -15.27 20.97
C ALA A 356 -3.16 -14.84 19.56
N TYR A 357 -2.46 -13.72 19.45
CA TYR A 357 -2.02 -13.23 18.14
C TYR A 357 -1.12 -14.23 17.42
N ALA A 358 -0.41 -15.07 18.17
CA ALA A 358 0.51 -16.01 17.53
C ALA A 358 -0.25 -17.08 16.72
N GLY A 359 -1.52 -17.29 17.06
CA GLY A 359 -2.36 -18.25 16.37
C GLY A 359 -3.34 -17.63 15.39
N ASN A 360 -4.34 -18.40 14.97
CA ASN A 360 -5.23 -17.98 13.90
C ASN A 360 -6.28 -16.98 14.40
N PRO A 361 -6.69 -16.02 13.54
CA PRO A 361 -7.66 -15.01 13.94
C PRO A 361 -9.00 -15.57 14.42
N ARG A 362 -9.39 -16.78 14.00
CA ARG A 362 -10.62 -17.39 14.50
C ARG A 362 -10.65 -17.40 16.03
N ASN A 363 -9.47 -17.42 16.64
CA ASN A 363 -9.40 -17.47 18.09
C ASN A 363 -8.99 -16.16 18.78
N TRP A 364 -8.82 -15.09 18.00
CA TRP A 364 -8.53 -13.77 18.60
C TRP A 364 -9.79 -13.14 19.18
N PRO A 365 -9.67 -12.48 20.34
CA PRO A 365 -10.75 -11.61 20.82
C PRO A 365 -10.95 -10.52 19.78
N ARG A 366 -12.16 -9.97 19.65
CA ARG A 366 -12.37 -8.87 18.68
C ARG A 366 -11.49 -7.66 18.99
N ASP A 367 -11.17 -7.47 20.27
CA ASP A 367 -10.25 -6.39 20.65
C ASP A 367 -8.87 -6.56 19.99
N ASN A 368 -8.49 -7.80 19.66
CA ASN A 368 -7.25 -8.02 18.91
C ASN A 368 -7.32 -7.50 17.50
N VAL A 369 -8.47 -7.68 16.86
CA VAL A 369 -8.68 -7.14 15.52
C VAL A 369 -8.62 -5.61 15.58
N ARG A 370 -9.31 -5.04 16.56
CA ARG A 370 -9.29 -3.58 16.71
C ARG A 370 -7.87 -3.03 16.92
N ALA A 371 -7.13 -3.66 17.83
CA ALA A 371 -5.78 -3.20 18.14
C ALA A 371 -4.86 -3.33 16.93
N LEU A 372 -4.92 -4.50 16.30
CA LEU A 372 -4.07 -4.71 15.14
C LEU A 372 -4.40 -3.70 14.03
N ALA A 373 -5.66 -3.33 13.90
CA ALA A 373 -6.04 -2.31 12.92
C ALA A 373 -5.30 -1.01 13.21
N SER A 374 -5.36 -0.58 14.48
CA SER A 374 -4.59 0.62 14.84
C SER A 374 -3.13 0.47 14.43
N GLU A 375 -2.58 -0.71 14.67
CA GLU A 375 -1.15 -0.92 14.48
C GLU A 375 -0.79 -1.39 13.09
N TYR A 376 -1.75 -1.31 12.16
CA TYR A 376 -1.53 -1.53 10.75
C TYR A 376 -1.52 -0.17 10.08
N THR A 377 -2.41 0.72 10.51
CA THR A 377 -2.38 2.08 9.97
C THR A 377 -1.24 2.92 10.54
N SER A 378 -0.80 2.61 11.77
CA SER A 378 0.27 3.36 12.44
C SER A 378 1.42 2.42 12.83
N ARG A 379 2.51 2.97 13.36
CA ARG A 379 3.67 2.18 13.84
C ARG A 379 3.23 1.13 14.85
N PRO A 380 3.72 -0.12 14.71
CA PRO A 380 3.07 -1.17 15.51
C PRO A 380 3.63 -1.36 16.93
N TRP A 381 2.72 -1.35 17.91
CA TRP A 381 3.02 -1.65 19.32
C TRP A 381 3.95 -0.64 19.99
N ASP A 382 3.72 0.64 19.67
CA ASP A 382 4.43 1.76 20.28
C ASP A 382 3.57 2.46 21.34
N ASP A 383 2.40 1.87 21.62
CA ASP A 383 1.43 2.43 22.57
C ASP A 383 0.85 3.77 22.13
N ASN A 384 0.97 4.09 20.85
CA ASN A 384 0.26 5.22 20.27
C ASN A 384 -0.78 4.68 19.32
N LEU A 385 -2.04 5.02 19.55
CA LEU A 385 -3.13 4.34 18.82
C LEU A 385 -3.93 5.29 17.96
N SER A 386 -4.37 4.79 16.81
CA SER A 386 -5.34 5.50 15.99
C SER A 386 -6.68 5.46 16.69
N PRO A 387 -7.32 6.61 16.92
CA PRO A 387 -8.60 6.55 17.61
C PRO A 387 -9.73 5.99 16.76
N GLY A 388 -9.65 6.17 15.44
CA GLY A 388 -10.77 5.80 14.59
C GLY A 388 -10.61 4.55 13.75
N TRP A 389 -9.38 4.23 13.35
CA TRP A 389 -9.16 3.03 12.53
C TRP A 389 -9.66 1.70 13.13
N PRO A 390 -9.50 1.49 14.46
CA PRO A 390 -10.00 0.21 15.00
C PRO A 390 -11.50 -0.04 14.78
N MSE A 391 -12.35 0.94 15.05
CA MSE A 391 -13.80 0.77 14.81
C MSE A 391 -14.11 0.61 13.33
O MSE A 391 -15.05 -0.12 12.94
CB MSE A 391 -14.61 1.91 15.45
CG MSE A 391 -14.41 3.29 14.85
SE MSE A 391 -15.50 3.65 13.24
CE MSE A 391 -17.28 3.21 13.97
N PHE A 392 -13.31 1.26 12.49
CA PHE A 392 -13.52 1.26 11.04
C PHE A 392 -13.25 -0.15 10.47
N VAL A 393 -12.09 -0.67 10.83
CA VAL A 393 -11.74 -2.03 10.40
C VAL A 393 -12.68 -3.05 11.03
N ASP A 394 -13.04 -2.83 12.29
CA ASP A 394 -13.94 -3.78 12.96
C ASP A 394 -15.31 -3.86 12.28
N ASP A 395 -15.82 -2.72 11.83
CA ASP A 395 -17.05 -2.74 11.05
C ASP A 395 -16.88 -3.54 9.75
N ALA A 396 -15.79 -3.28 9.02
CA ALA A 396 -15.53 -4.12 7.83
C ALA A 396 -15.48 -5.62 8.15
N TYR A 397 -14.86 -5.94 9.28
CA TYR A 397 -14.69 -7.33 9.68
C TYR A 397 -16.06 -7.96 9.89
N ALA A 398 -16.92 -7.21 10.59
CA ALA A 398 -18.27 -7.68 10.90
C ALA A 398 -19.01 -7.98 9.62
N THR A 399 -18.84 -7.10 8.63
CA THR A 399 -19.37 -7.35 7.30
C THR A 399 -18.84 -8.64 6.67
N PHE A 400 -17.54 -8.88 6.75
CA PHE A 400 -17.01 -10.13 6.20
C PHE A 400 -17.46 -11.38 6.94
N LEU A 401 -17.94 -11.22 8.17
CA LEU A 401 -18.44 -12.36 8.95
C LEU A 401 -19.88 -12.74 8.57
N ASP A 402 -20.50 -11.90 7.72
CA ASP A 402 -21.86 -12.14 7.25
C ASP A 402 -21.91 -13.49 6.53
N PRO A 403 -22.95 -14.31 6.79
CA PRO A 403 -23.03 -15.62 6.13
C PRO A 403 -23.18 -15.52 4.61
N GLY A 404 -23.53 -14.34 4.10
CA GLY A 404 -23.61 -14.13 2.67
C GLY A 404 -22.24 -14.09 2.02
N MSE A 405 -21.21 -13.95 2.86
CA MSE A 405 -19.84 -13.86 2.40
C MSE A 405 -19.12 -15.22 2.40
O MSE A 405 -18.90 -15.83 3.46
CB MSE A 405 -19.08 -12.84 3.25
CG MSE A 405 -17.61 -12.75 2.94
SE MSE A 405 -17.31 -12.13 1.12
CE MSE A 405 -18.38 -10.48 1.15
N ARG A 406 -18.76 -15.70 1.22
CA ARG A 406 -18.09 -17.00 1.09
C ARG A 406 -16.75 -16.90 0.36
N PHE A 407 -15.74 -17.57 0.90
CA PHE A 407 -14.42 -17.58 0.28
C PHE A 407 -14.07 -18.99 -0.23
N PRO A 408 -13.15 -19.07 -1.21
CA PRO A 408 -12.70 -20.39 -1.70
C PRO A 408 -12.07 -21.24 -0.59
N VAL B 22 -10.36 29.78 10.02
CA VAL B 22 -9.27 30.28 10.85
C VAL B 22 -8.68 29.13 11.68
N ASP B 23 -7.49 29.35 12.22
CA ASP B 23 -6.79 28.30 12.97
C ASP B 23 -7.20 28.16 14.44
N PHE B 24 -7.59 29.26 15.07
CA PHE B 24 -7.70 29.26 16.52
C PHE B 24 -9.01 29.85 17.05
N ASP B 25 -9.45 29.37 18.21
CA ASP B 25 -10.62 29.98 18.86
C ASP B 25 -10.36 30.43 20.32
N LYS B 26 -10.67 29.57 21.28
CA LYS B 26 -10.70 29.95 22.70
C LYS B 26 -9.33 30.29 23.32
N THR B 27 -9.22 31.43 24.03
CA THR B 27 -7.97 31.78 24.70
C THR B 27 -7.81 30.93 25.96
N LEU B 28 -6.65 30.29 26.10
CA LEU B 28 -6.33 29.44 27.23
C LEU B 28 -5.14 30.02 27.98
N THR B 29 -5.22 29.97 29.31
CA THR B 29 -4.22 30.59 30.17
C THR B 29 -3.78 29.63 31.26
N HIS B 30 -2.48 29.34 31.29
CA HIS B 30 -1.92 28.42 32.28
C HIS B 30 -1.48 29.26 33.48
N PRO B 31 -1.55 28.68 34.69
CA PRO B 31 -1.02 29.38 35.87
C PRO B 31 0.45 29.84 35.71
N ASN B 32 1.23 29.14 34.89
CA ASN B 32 2.63 29.54 34.69
C ASN B 32 2.82 30.73 33.75
N GLY B 33 1.72 31.31 33.29
CA GLY B 33 1.79 32.50 32.46
C GLY B 33 1.66 32.23 30.97
N LEU B 34 1.61 30.96 30.57
CA LEU B 34 1.46 30.65 29.16
C LEU B 34 0.04 30.98 28.71
N VAL B 35 -0.07 31.70 27.61
CA VAL B 35 -1.36 32.06 27.03
C VAL B 35 -1.36 31.75 25.53
N VAL B 36 -2.36 31.00 25.09
CA VAL B 36 -2.44 30.66 23.67
C VAL B 36 -3.88 30.34 23.30
N GLU B 37 -4.25 30.45 22.03
CA GLU B 37 -5.61 30.10 21.63
C GLU B 37 -5.68 28.65 21.18
N ARG B 38 -6.79 27.99 21.50
CA ARG B 38 -7.03 26.61 21.12
C ARG B 38 -7.20 26.48 19.60
N PRO B 39 -6.51 25.49 19.00
CA PRO B 39 -6.77 25.22 17.58
C PRO B 39 -8.21 24.77 17.38
N VAL B 40 -8.87 25.36 16.40
CA VAL B 40 -10.26 25.04 16.09
C VAL B 40 -10.39 23.56 15.78
N GLY B 41 -11.34 22.88 16.40
CA GLY B 41 -11.58 21.48 16.11
C GLY B 41 -10.68 20.52 16.89
N PHE B 42 -9.93 21.06 17.85
CA PHE B 42 -9.09 20.24 18.73
C PHE B 42 -9.61 20.24 20.15
N ASP B 43 -9.47 19.11 20.83
CA ASP B 43 -9.79 19.00 22.24
C ASP B 43 -8.57 19.43 23.06
N ALA B 44 -8.80 20.28 24.06
CA ALA B 44 -7.72 20.86 24.82
C ALA B 44 -7.75 20.32 26.24
N ARG B 45 -6.57 19.99 26.76
CA ARG B 45 -6.45 19.64 28.18
C ARG B 45 -5.19 20.28 28.73
N ARG B 46 -5.15 20.50 30.03
CA ARG B 46 -3.99 21.15 30.62
C ARG B 46 -2.90 20.11 30.89
N SER B 47 -1.65 20.48 30.62
CA SER B 47 -0.51 19.64 30.96
C SER B 47 0.34 20.34 32.02
N ALA B 48 1.46 19.72 32.40
CA ALA B 48 2.28 20.23 33.48
C ALA B 48 2.65 21.69 33.30
N GLU B 49 3.11 22.06 32.11
CA GLU B 49 3.54 23.42 31.87
C GLU B 49 2.87 24.07 30.67
N GLY B 50 1.75 23.50 30.24
CA GLY B 50 1.04 24.08 29.11
C GLY B 50 -0.26 23.39 28.78
N PHE B 51 -0.49 23.18 27.48
CA PHE B 51 -1.71 22.56 27.01
C PHE B 51 -1.40 21.52 25.94
N ARG B 52 -2.23 20.49 25.94
CA ARG B 52 -2.17 19.44 24.93
C ARG B 52 -3.45 19.52 24.10
N PHE B 53 -3.30 19.36 22.80
CA PHE B 53 -4.40 19.43 21.86
C PHE B 53 -4.45 18.16 21.04
N ASP B 54 -5.60 17.51 21.04
CA ASP B 54 -5.80 16.33 20.22
C ASP B 54 -6.89 16.60 19.21
N GLU B 55 -6.63 16.33 17.93
CA GLU B 55 -7.65 16.60 16.91
C GLU B 55 -8.95 15.90 17.27
N GLY B 56 -10.08 16.58 17.08
CA GLY B 56 -11.35 16.09 17.56
C GLY B 56 -11.90 14.90 16.80
N GLY B 57 -12.88 14.24 17.40
CA GLY B 57 -13.50 13.10 16.77
C GLY B 57 -12.67 11.83 16.94
N LYS B 58 -12.86 10.91 16.01
CA LYS B 58 -12.17 9.64 16.00
C LYS B 58 -11.62 9.45 14.60
N LEU B 59 -10.47 10.07 14.37
CA LEU B 59 -9.87 10.10 13.05
C LEU B 59 -8.89 8.96 12.90
N ARG B 60 -8.54 8.68 11.65
CA ARG B 60 -7.49 7.72 11.35
C ARG B 60 -6.13 8.20 11.84
N ASN B 61 -5.83 9.47 11.57
CA ASN B 61 -4.47 10.00 11.74
C ASN B 61 -4.57 11.42 12.32
N PRO B 62 -5.02 11.54 13.58
CA PRO B 62 -5.23 12.88 14.15
C PRO B 62 -3.92 13.57 14.43
N ARG B 63 -3.90 14.87 14.20
CA ARG B 63 -2.76 15.67 14.61
C ARG B 63 -2.76 15.79 16.13
N GLN B 64 -1.57 15.78 16.72
CA GLN B 64 -1.46 15.92 18.17
C GLN B 64 -0.44 17.01 18.44
N LEU B 65 -0.78 17.95 19.32
CA LEU B 65 0.11 19.09 19.57
C LEU B 65 0.23 19.36 21.06
N GLU B 66 1.37 19.91 21.47
CA GLU B 66 1.49 20.37 22.84
C GLU B 66 2.30 21.63 22.84
N VAL B 67 1.92 22.59 23.70
CA VAL B 67 2.66 23.84 23.78
C VAL B 67 2.87 24.08 25.26
N GLN B 68 4.11 24.45 25.63
CA GLN B 68 4.46 24.59 27.03
C GLN B 68 5.46 25.70 27.27
N ARG B 69 5.43 26.28 28.46
CA ARG B 69 6.52 27.12 28.92
C ARG B 69 7.69 26.21 29.24
N GLN B 70 8.90 26.62 28.86
CA GLN B 70 10.11 25.91 29.25
C GLN B 70 11.16 26.94 29.69
N ASP B 71 11.69 26.81 30.90
CA ASP B 71 12.66 27.79 31.38
C ASP B 71 14.09 27.53 30.88
N ALA B 72 14.45 26.26 30.71
CA ALA B 72 15.76 25.91 30.18
C ALA B 72 15.83 26.17 28.66
N PRO B 73 17.01 26.55 28.17
CA PRO B 73 17.16 26.81 26.72
C PRO B 73 17.05 25.49 25.96
N PRO B 74 16.76 25.57 24.65
CA PRO B 74 16.75 24.36 23.83
C PRO B 74 18.14 23.77 23.76
N PRO B 75 18.24 22.50 23.33
CA PRO B 75 19.56 21.93 23.11
C PRO B 75 20.26 22.73 22.03
N PRO B 76 21.59 22.81 22.10
CA PRO B 76 22.36 23.64 21.18
C PRO B 76 22.37 23.06 19.77
N ASP B 77 22.69 23.92 18.81
CA ASP B 77 22.99 23.49 17.45
C ASP B 77 21.82 22.85 16.68
N LEU B 78 20.58 23.17 17.06
CA LEU B 78 19.44 22.74 16.25
C LEU B 78 19.29 23.64 15.04
N ALA B 79 18.61 23.14 14.01
CA ALA B 79 18.27 23.98 12.86
C ALA B 79 17.47 25.19 13.32
N SER B 80 17.59 26.29 12.59
CA SER B 80 16.83 27.49 12.95
C SER B 80 15.94 27.96 11.82
N ARG B 81 14.87 28.66 12.16
CA ARG B 81 14.03 29.31 11.16
C ARG B 81 13.49 30.62 11.70
N ARG B 82 13.11 31.51 10.79
CA ARG B 82 12.47 32.76 11.14
C ARG B 82 11.08 32.46 11.67
N LEU B 83 10.72 33.08 12.78
CA LEU B 83 9.36 32.95 13.30
C LEU B 83 8.91 34.30 13.83
N GLY B 84 7.97 34.91 13.12
CA GLY B 84 7.56 36.27 13.44
C GLY B 84 8.75 37.19 13.32
N ASP B 85 9.00 37.96 14.38
CA ASP B 85 10.13 38.86 14.40
C ASP B 85 11.33 38.23 15.09
N GLY B 86 11.16 36.98 15.54
CA GLY B 86 12.24 36.27 16.20
C GLY B 86 12.70 35.05 15.42
N GLU B 87 13.40 34.16 16.10
CA GLU B 87 13.79 32.89 15.51
C GLU B 87 13.22 31.75 16.32
N ALA B 88 13.34 30.55 15.78
CA ALA B 88 12.95 29.33 16.49
C ALA B 88 14.01 28.28 16.16
N ARG B 89 14.25 27.38 17.10
CA ARG B 89 15.15 26.26 16.90
C ARG B 89 14.31 24.98 16.91
N TYR B 90 14.61 24.05 16.02
CA TYR B 90 13.71 22.90 15.87
C TYR B 90 14.41 21.66 15.35
N LYS B 91 13.71 20.53 15.44
CA LYS B 91 14.16 19.29 14.84
C LYS B 91 12.93 18.47 14.56
N VAL B 92 12.89 17.88 13.38
CA VAL B 92 11.83 16.93 13.01
C VAL B 92 12.41 15.53 12.96
N GLU B 93 11.69 14.55 13.52
CA GLU B 93 12.10 13.14 13.43
C GLU B 93 11.06 12.37 12.65
N GLU B 94 11.49 11.29 12.00
CA GLU B 94 10.63 10.46 11.16
C GLU B 94 10.88 8.99 11.47
N ASP B 95 9.83 8.17 11.42
CA ASP B 95 10.02 6.73 11.64
C ASP B 95 8.97 5.98 10.84
N ASP B 96 9.23 4.70 10.57
CA ASP B 96 8.23 3.85 9.92
C ASP B 96 6.95 3.89 10.73
N GLY B 97 5.81 3.96 10.06
CA GLY B 97 4.53 3.96 10.74
C GLY B 97 3.70 2.80 10.22
N GLY B 98 2.67 3.13 9.45
CA GLY B 98 1.84 2.11 8.81
C GLY B 98 1.29 2.58 7.48
N SER B 99 0.12 2.06 7.09
CA SER B 99 -0.50 2.37 5.81
C SER B 99 -0.83 3.86 5.64
N ALA B 100 -0.95 4.58 6.75
CA ALA B 100 -1.15 6.02 6.68
C ALA B 100 0.18 6.79 6.56
N GLY B 101 1.29 6.06 6.45
CA GLY B 101 2.59 6.67 6.23
C GLY B 101 3.53 6.65 7.43
N SER B 102 4.72 7.24 7.25
CA SER B 102 5.68 7.36 8.35
C SER B 102 5.12 8.25 9.48
N GLU B 103 5.57 8.03 10.71
CA GLU B 103 5.25 8.90 11.84
C GLU B 103 6.23 10.06 11.81
N TYR B 104 5.73 11.28 11.97
CA TYR B 104 6.59 12.46 12.04
C TYR B 104 6.32 13.26 13.30
N ARG B 105 7.40 13.77 13.90
CA ARG B 105 7.26 14.60 15.08
C ARG B 105 8.21 15.80 15.05
N LEU B 106 7.62 16.96 15.24
CA LEU B 106 8.36 18.22 15.32
C LEU B 106 8.55 18.61 16.78
N TRP B 107 9.74 19.11 17.12
CA TRP B 107 9.98 19.76 18.41
C TRP B 107 10.59 21.10 18.07
N ALA B 108 10.01 22.19 18.58
CA ALA B 108 10.48 23.53 18.26
C ALA B 108 10.37 24.46 19.46
N ALA B 109 11.30 25.41 19.57
CA ALA B 109 11.33 26.32 20.70
C ALA B 109 11.58 27.73 20.20
N LYS B 110 10.89 28.71 20.81
CA LYS B 110 11.17 30.12 20.56
C LYS B 110 11.39 30.81 21.89
N PRO B 111 12.20 31.87 21.90
CA PRO B 111 12.36 32.62 23.15
C PRO B 111 11.11 33.40 23.54
N ALA B 112 10.92 33.53 24.84
CA ALA B 112 9.88 34.37 25.42
C ALA B 112 10.52 35.04 26.63
N GLY B 113 11.07 36.24 26.40
CA GLY B 113 11.86 36.92 27.42
C GLY B 113 13.12 36.12 27.68
N ALA B 114 13.38 35.86 28.96
CA ALA B 114 14.53 35.05 29.36
C ALA B 114 14.14 33.59 29.42
N ARG B 115 12.93 33.26 28.95
CA ARG B 115 12.47 31.88 28.97
C ARG B 115 12.17 31.43 27.55
N TRP B 116 11.45 30.32 27.43
CA TRP B 116 11.14 29.76 26.11
C TRP B 116 9.74 29.19 26.07
N ILE B 117 9.19 29.10 24.85
CA ILE B 117 7.93 28.41 24.63
C ILE B 117 8.26 27.29 23.64
N VAL B 118 7.77 26.09 23.94
CA VAL B 118 8.08 24.91 23.12
C VAL B 118 6.80 24.30 22.58
N VAL B 119 6.78 23.99 21.28
CA VAL B 119 5.70 23.22 20.70
C VAL B 119 6.24 21.90 20.19
N SER B 120 5.52 20.82 20.48
CA SER B 120 5.78 19.55 19.82
C SER B 120 4.51 19.13 19.07
N ALA B 121 4.68 18.42 17.96
CA ALA B 121 3.51 18.07 17.18
C ALA B 121 3.78 16.79 16.41
N SER B 122 2.76 15.99 16.22
CA SER B 122 2.95 14.79 15.44
C SER B 122 1.79 14.56 14.50
N GLU B 123 2.13 13.89 13.40
CA GLU B 123 1.16 13.34 12.49
C GLU B 123 1.87 12.39 11.54
N GLN B 124 1.11 11.46 10.97
CA GLN B 124 1.66 10.60 9.94
C GLN B 124 1.52 11.23 8.58
N SER B 125 2.43 10.89 7.68
CA SER B 125 2.32 11.29 6.29
C SER B 125 2.96 10.25 5.40
N GLU B 126 2.29 9.92 4.30
CA GLU B 126 2.89 9.04 3.30
C GLU B 126 3.49 9.87 2.18
N ASP B 127 3.44 11.18 2.30
CA ASP B 127 3.89 12.06 1.23
C ASP B 127 5.05 12.94 1.68
N GLY B 128 5.92 12.38 2.51
CA GLY B 128 7.08 13.12 3.01
C GLY B 128 6.74 13.96 4.24
N GLU B 129 7.70 14.78 4.66
CA GLU B 129 7.55 15.51 5.90
C GLU B 129 6.37 16.50 5.82
N PRO B 130 5.49 16.47 6.83
CA PRO B 130 4.34 17.37 6.86
C PRO B 130 4.83 18.80 7.00
N THR B 131 4.02 19.78 6.61
CA THR B 131 4.43 21.17 6.77
C THR B 131 4.47 21.56 8.24
N PHE B 132 3.65 20.90 9.04
CA PHE B 132 3.44 21.30 10.45
C PHE B 132 2.97 22.75 10.54
N ALA B 133 2.22 23.18 9.53
CA ALA B 133 1.81 24.60 9.47
C ALA B 133 1.02 25.01 10.72
N LEU B 134 0.18 24.11 11.22
CA LEU B 134 -0.63 24.43 12.39
C LEU B 134 0.24 24.54 13.65
N ALA B 135 1.16 23.60 13.84
CA ALA B 135 2.12 23.70 14.95
C ALA B 135 2.95 24.99 14.93
N TRP B 136 3.44 25.38 13.77
CA TRP B 136 4.20 26.63 13.67
C TRP B 136 3.32 27.84 13.95
N ALA B 137 2.07 27.81 13.49
CA ALA B 137 1.14 28.90 13.80
C ALA B 137 0.87 28.96 15.31
N LEU B 138 0.76 27.78 15.93
CA LEU B 138 0.51 27.69 17.36
C LEU B 138 1.70 28.24 18.14
N LEU B 139 2.91 27.85 17.75
CA LEU B 139 4.11 28.37 18.40
C LEU B 139 4.18 29.89 18.26
N GLU B 140 3.87 30.41 17.08
CA GLU B 140 3.91 31.85 16.89
C GLU B 140 2.85 32.59 17.72
N ARG B 141 1.65 32.00 17.82
CA ARG B 141 0.53 32.59 18.54
C ARG B 141 0.76 32.63 20.06
N ALA B 142 1.53 31.68 20.59
CA ALA B 142 1.70 31.58 22.04
C ALA B 142 2.54 32.72 22.63
N ARG B 143 2.27 33.06 23.88
CA ARG B 143 3.07 34.06 24.57
C ARG B 143 3.08 33.74 26.07
N LEU B 144 4.03 34.34 26.78
CA LEU B 144 4.06 34.22 28.24
C LEU B 144 3.68 35.57 28.81
N GLN B 145 2.86 35.55 29.85
CA GLN B 145 2.41 36.79 30.47
C GLN B 145 3.40 37.27 31.52
C1 EDO C . 1.12 -1.38 6.16
O1 EDO C . 1.49 -0.74 7.38
C2 EDO C . 2.40 -1.80 5.43
O2 EDO C . 3.14 -0.64 5.02
C1 EDO D . 8.83 -10.44 8.52
O1 EDO D . 10.22 -10.35 8.18
C2 EDO D . 8.00 -9.86 7.39
O2 EDO D . 8.37 -10.47 6.15
C1 EDO E . 2.52 13.17 -7.96
O1 EDO E . 3.42 13.68 -6.97
C2 EDO E . 3.22 13.04 -9.31
O2 EDO E . 4.49 12.39 -9.14
CA CA F . -5.72 5.79 1.23
CA CA G . -1.69 5.84 -0.30
CA CA H . 0.79 2.62 16.88
C1 EDO I . -10.01 31.36 30.43
O1 EDO I . -9.45 30.41 31.35
C2 EDO I . -8.94 32.37 30.00
O2 EDO I . -7.95 31.71 29.22
C1 EDO J . -7.95 27.42 30.45
O1 EDO J . -7.68 28.82 30.31
C2 EDO J . -7.63 26.99 31.88
O2 EDO J . -6.19 26.95 32.06
C1 EDO K . 2.68 16.20 21.02
O1 EDO K . 3.70 16.21 22.02
C2 EDO K . 3.23 15.52 19.77
O2 EDO K . 3.79 14.24 20.09
C1 EDO L . 14.40 17.74 20.17
O1 EDO L . 14.01 16.68 21.04
C2 EDO L . 15.90 17.74 20.00
O2 EDO L . 16.31 16.63 19.19
C1 EDO M . 10.43 23.70 9.05
O1 EDO M . 9.60 23.86 7.91
C2 EDO M . 10.06 22.41 9.77
O2 EDO M . 8.64 22.31 9.78
#